data_7CIE
#
_entry.id   7CIE
#
_cell.length_a   50.118
_cell.length_b   50.153
_cell.length_c   73.305
_cell.angle_alpha   74.86
_cell.angle_beta   78.03
_cell.angle_gamma   63.24
#
_symmetry.space_group_name_H-M   'P 1'
#
loop_
_entity.id
_entity.type
_entity.pdbx_description
1 polymer 'UDP-3-O-acyl-N-acetylglucosamine deacetylase'
2 non-polymer (2R)-2-azanyl-3-oxidanyl-N-[3-(trifluoromethyloxy)phenyl]propanamide
3 non-polymer 'ZINC ION'
4 water water
#
_entity_poly.entity_id   1
_entity_poly.type   'polypeptide(L)'
_entity_poly.pdbx_seq_one_letter_code
;MIKQRTLKNIIRATGVGLHSGEKVYLTLKPAPVDTGIVFSRTDLDPVVEIPARAENVGETTMSTTLVKGDVKVDTVEHLL
SAMAGLGIDNAYVELSASEVPIMDGSAGPFVFLIQSAGLQEQEAAKKFIRIKREVSVEEGDKRAVFVPFDGFKVSFEIDF
DHPVFRGRTQQASVDFSSTSFVKEVSRARTFGFMRDIEYLRSQNLALGGSVENAIVVDENRVLNEDGLRYEDEFVKHKIL
DAIGDLYLLGNSLIGEFRGFKSGHALNNQLLRTLIADKDAWEVVTFEDARTAPISYMRP
;
_entity_poly.pdbx_strand_id   A,B
#
loop_
_chem_comp.id
_chem_comp.type
_chem_comp.name
_chem_comp.formula
FZ6 non-polymer (2R)-2-azanyl-3-oxidanyl-N-[3-(trifluoromethyloxy)phenyl]propanamide 'C10 H11 F3 N2 O3'
ZN non-polymer 'ZINC ION' 'Zn 2'
#
# COMPACT_ATOMS: atom_id res chain seq x y z
N MET A 1 22.01 25.89 -33.95
CA MET A 1 22.53 25.87 -32.53
C MET A 1 21.43 25.43 -31.55
N ILE A 2 21.83 25.03 -30.34
CA ILE A 2 20.91 24.88 -29.18
C ILE A 2 20.66 26.27 -28.58
N LYS A 3 19.43 26.74 -28.62
CA LYS A 3 19.10 28.17 -28.31
C LYS A 3 18.62 28.34 -26.87
N GLN A 4 18.75 29.56 -26.34
CA GLN A 4 18.20 29.91 -25.03
C GLN A 4 16.68 29.87 -25.12
N ARG A 5 16.02 29.63 -24.02
CA ARG A 5 14.55 29.59 -24.01
C ARG A 5 14.09 30.54 -22.93
N THR A 6 12.97 31.19 -23.18
CA THR A 6 12.15 31.88 -22.19
C THR A 6 10.73 31.31 -22.29
N LEU A 7 9.80 32.01 -21.64
CA LEU A 7 8.36 31.69 -21.65
C LEU A 7 7.72 32.42 -22.84
N LYS A 8 6.70 31.83 -23.45
CA LYS A 8 5.98 32.40 -24.60
C LYS A 8 5.03 33.50 -24.10
N ASN A 9 4.49 33.34 -22.89
CA ASN A 9 3.42 34.16 -22.27
C ASN A 9 3.71 34.40 -20.79
N ILE A 10 3.25 35.55 -20.27
CA ILE A 10 3.10 35.82 -18.81
C ILE A 10 2.23 34.71 -18.23
N ILE A 11 2.53 34.25 -17.03
CA ILE A 11 1.55 33.40 -16.28
C ILE A 11 1.62 33.76 -14.82
N ARG A 12 0.43 33.70 -14.21
CA ARG A 12 0.13 34.08 -12.82
C ARG A 12 -0.25 32.81 -12.06
N ALA A 13 0.16 32.74 -10.81
CA ALA A 13 -0.23 31.66 -9.89
C ALA A 13 -0.48 32.30 -8.54
N THR A 14 -1.43 31.73 -7.82
CA THR A 14 -1.81 32.08 -6.44
C THR A 14 -1.50 30.86 -5.60
N GLY A 15 -0.98 31.10 -4.41
CA GLY A 15 -0.75 30.03 -3.44
C GLY A 15 -0.59 30.61 -2.07
N VAL A 16 -0.22 29.72 -1.16
CA VAL A 16 0.11 30.05 0.23
C VAL A 16 1.63 30.12 0.28
N GLY A 17 2.18 31.09 0.99
CA GLY A 17 3.59 31.10 1.43
C GLY A 17 3.84 30.00 2.45
N LEU A 18 5.04 29.42 2.47
CA LEU A 18 5.33 28.25 3.34
C LEU A 18 5.32 28.70 4.79
N HIS A 19 5.74 29.93 5.06
CA HIS A 19 5.99 30.49 6.43
C HIS A 19 4.84 31.43 6.84
N SER A 20 4.45 32.38 6.00
CA SER A 20 3.33 33.31 6.29
C SER A 20 2.02 32.52 6.53
N GLY A 21 1.74 31.49 5.73
CA GLY A 21 0.45 30.80 5.68
C GLY A 21 -0.54 31.65 4.92
N GLU A 22 -0.06 32.75 4.31
CA GLU A 22 -0.89 33.85 3.73
C GLU A 22 -0.79 33.85 2.20
N LYS A 23 -1.86 34.34 1.56
CA LYS A 23 -2.03 34.28 0.09
C LYS A 23 -0.85 35.02 -0.53
N VAL A 24 -0.22 34.45 -1.54
CA VAL A 24 0.88 35.14 -2.26
C VAL A 24 0.69 34.92 -3.77
N TYR A 25 0.96 35.98 -4.54
CA TYR A 25 0.81 36.06 -6.01
C TYR A 25 2.21 35.93 -6.65
N LEU A 26 2.29 35.09 -7.67
CA LEU A 26 3.53 34.85 -8.44
C LEU A 26 3.24 35.18 -9.89
N THR A 27 4.07 35.98 -10.56
CA THR A 27 3.96 36.16 -12.02
C THR A 27 5.29 35.81 -12.69
N LEU A 28 5.23 34.85 -13.63
CA LEU A 28 6.35 34.44 -14.50
C LEU A 28 6.23 35.19 -15.84
N LYS A 29 7.29 35.81 -16.33
CA LYS A 29 7.22 36.55 -17.61
C LYS A 29 8.46 36.25 -18.41
N PRO A 30 8.36 36.31 -19.75
CA PRO A 30 9.53 36.21 -20.59
C PRO A 30 10.55 37.22 -20.09
N ALA A 31 11.83 36.96 -20.35
CA ALA A 31 12.93 37.90 -20.17
C ALA A 31 13.85 37.80 -21.38
N PRO A 32 14.72 38.81 -21.57
CA PRO A 32 15.74 38.78 -22.61
C PRO A 32 16.82 37.70 -22.39
N VAL A 33 17.47 37.33 -23.48
CA VAL A 33 18.74 36.55 -23.56
C VAL A 33 19.72 37.04 -22.49
N ASP A 34 20.34 36.09 -21.75
CA ASP A 34 21.46 36.34 -20.80
C ASP A 34 20.93 37.05 -19.56
N THR A 35 19.61 37.04 -19.33
CA THR A 35 19.03 37.56 -18.09
C THR A 35 19.19 36.54 -16.93
N GLY A 36 18.98 35.28 -17.24
CA GLY A 36 18.90 34.20 -16.23
C GLY A 36 17.54 34.20 -15.58
N ILE A 37 17.44 33.69 -14.36
CA ILE A 37 16.14 33.73 -13.64
C ILE A 37 16.28 34.83 -12.60
N VAL A 38 15.45 35.88 -12.73
CA VAL A 38 15.53 37.13 -11.89
C VAL A 38 14.23 37.25 -11.11
N PHE A 39 14.32 37.20 -9.78
CA PHE A 39 13.21 37.38 -8.81
C PHE A 39 12.96 38.86 -8.53
N SER A 40 11.69 39.26 -8.55
CA SER A 40 11.17 40.65 -8.41
C SER A 40 10.25 40.74 -7.19
N ARG A 41 10.54 41.58 -6.20
CA ARG A 41 9.57 41.96 -5.14
C ARG A 41 8.83 43.25 -5.58
N THR A 42 7.62 43.06 -6.14
CA THR A 42 6.75 44.14 -6.69
C THR A 42 5.96 44.76 -5.54
N ASP A 43 5.76 44.05 -4.43
CA ASP A 43 5.08 44.59 -3.22
C ASP A 43 5.90 45.74 -2.63
N LEU A 44 7.20 45.80 -2.91
CA LEU A 44 8.08 46.89 -2.43
C LEU A 44 8.02 48.05 -3.43
N ASP A 45 8.76 49.12 -3.17
CA ASP A 45 8.63 50.42 -3.91
C ASP A 45 9.79 51.32 -3.50
N PRO A 46 10.89 51.41 -4.28
CA PRO A 46 10.94 50.83 -5.63
C PRO A 46 10.96 49.29 -5.64
N VAL A 47 10.51 48.68 -6.75
CA VAL A 47 10.58 47.21 -6.96
C VAL A 47 12.04 46.80 -6.76
N VAL A 48 12.28 45.70 -6.06
CA VAL A 48 13.63 45.14 -5.82
C VAL A 48 13.75 43.82 -6.58
N GLU A 49 14.79 43.68 -7.41
CA GLU A 49 15.06 42.45 -8.20
C GLU A 49 16.25 41.74 -7.54
N ILE A 50 16.25 40.40 -7.53
CA ILE A 50 17.39 39.56 -7.01
C ILE A 50 17.60 38.44 -8.02
N PRO A 51 18.72 38.45 -8.79
CA PRO A 51 19.05 37.34 -9.69
C PRO A 51 19.19 36.00 -8.92
N ALA A 52 18.90 34.90 -9.60
CA ALA A 52 18.85 33.52 -9.06
C ALA A 52 20.27 32.99 -9.06
N ARG A 53 21.15 33.60 -8.27
CA ARG A 53 22.61 33.40 -8.39
C ARG A 53 23.12 32.78 -7.08
N ALA A 54 24.04 31.82 -7.16
CA ALA A 54 24.68 31.17 -5.97
C ALA A 54 24.99 32.21 -4.89
N GLU A 55 25.58 33.32 -5.31
CA GLU A 55 26.18 34.36 -4.44
C GLU A 55 25.09 35.21 -3.80
N ASN A 56 23.81 35.00 -4.15
CA ASN A 56 22.67 35.78 -3.60
C ASN A 56 21.93 34.96 -2.52
N VAL A 57 22.47 33.82 -2.13
CA VAL A 57 21.85 32.90 -1.14
C VAL A 57 22.23 33.39 0.24
N GLY A 58 21.31 33.35 1.20
CA GLY A 58 21.59 33.50 2.64
C GLY A 58 21.17 32.27 3.44
N THR A 61 18.51 27.40 5.86
CA THR A 61 17.98 26.66 7.05
C THR A 61 17.38 25.32 6.60
N MET A 62 16.12 25.33 6.15
CA MET A 62 15.36 24.12 5.70
C MET A 62 14.99 24.25 4.21
N SER A 63 15.42 25.33 3.56
CA SER A 63 15.01 25.76 2.19
C SER A 63 16.07 26.73 1.62
N THR A 64 15.91 27.21 0.37
CA THR A 64 16.89 28.16 -0.24
C THR A 64 16.27 29.56 -0.31
N THR A 65 16.89 30.53 0.38
CA THR A 65 16.49 31.95 0.48
C THR A 65 17.50 32.83 -0.28
N LEU A 66 17.02 33.69 -1.17
CA LEU A 66 17.86 34.69 -1.90
C LEU A 66 17.86 36.01 -1.08
N VAL A 67 19.00 36.70 -1.02
CA VAL A 67 19.09 37.98 -0.24
C VAL A 67 19.70 39.08 -1.12
N LYS A 68 19.07 40.27 -1.11
CA LYS A 68 19.70 41.58 -1.43
C LYS A 68 19.39 42.57 -0.29
N GLY A 69 20.28 42.67 0.69
CA GLY A 69 20.15 43.57 1.84
C GLY A 69 19.28 42.96 2.91
N ASP A 70 18.28 43.69 3.37
CA ASP A 70 17.26 43.17 4.32
C ASP A 70 16.20 42.44 3.49
N VAL A 71 16.26 42.54 2.16
CA VAL A 71 15.19 42.05 1.24
C VAL A 71 15.51 40.63 0.78
N LYS A 72 14.53 39.74 0.92
CA LYS A 72 14.71 38.28 0.73
C LYS A 72 13.57 37.74 -0.13
N VAL A 73 13.78 36.53 -0.65
CA VAL A 73 12.78 35.75 -1.40
C VAL A 73 12.98 34.30 -0.98
N ASP A 74 11.99 33.70 -0.32
CA ASP A 74 12.11 32.39 0.36
C ASP A 74 11.60 31.28 -0.56
N THR A 75 12.03 30.07 -0.30
CA THR A 75 11.59 28.84 -0.99
C THR A 75 11.78 28.98 -2.51
N VAL A 76 13.01 29.11 -3.00
CA VAL A 76 13.20 29.28 -4.48
C VAL A 76 13.45 27.90 -5.12
N GLU A 77 13.75 26.87 -4.30
CA GLU A 77 14.30 25.59 -4.82
C GLU A 77 13.31 24.92 -5.79
N HIS A 78 12.03 24.76 -5.48
CA HIS A 78 11.12 24.02 -6.38
C HIS A 78 10.90 24.80 -7.72
N LEU A 79 10.74 26.13 -7.68
CA LEU A 79 10.45 26.85 -8.93
C LEU A 79 11.69 26.75 -9.84
N LEU A 80 12.88 26.95 -9.26
CA LEU A 80 14.17 26.85 -10.00
C LEU A 80 14.34 25.45 -10.58
N SER A 81 13.86 24.42 -9.86
CA SER A 81 13.93 23.02 -10.34
C SER A 81 13.07 22.83 -11.58
N ALA A 82 11.84 23.37 -11.56
CA ALA A 82 10.95 23.29 -12.74
C ALA A 82 11.65 23.97 -13.92
N MET A 83 12.27 25.13 -13.67
CA MET A 83 12.90 25.94 -14.75
C MET A 83 14.11 25.16 -15.31
N ALA A 84 14.94 24.61 -14.41
CA ALA A 84 16.05 23.70 -14.76
C ALA A 84 15.49 22.56 -15.59
N GLY A 85 14.38 21.94 -15.16
CA GLY A 85 13.91 20.69 -15.79
C GLY A 85 13.40 20.92 -17.20
N LEU A 86 12.84 22.08 -17.50
CA LEU A 86 12.28 22.33 -18.85
C LEU A 86 13.22 23.18 -19.68
N GLY A 87 14.44 23.44 -19.21
CA GLY A 87 15.43 24.24 -19.92
C GLY A 87 15.04 25.71 -20.03
N ILE A 88 14.36 26.31 -19.03
CA ILE A 88 14.08 27.79 -19.08
C ILE A 88 15.34 28.54 -18.65
N ASP A 89 15.93 29.28 -19.57
CA ASP A 89 17.20 30.04 -19.39
C ASP A 89 16.86 31.38 -18.73
N ASN A 90 15.88 32.07 -19.29
CA ASN A 90 15.61 33.49 -18.98
C ASN A 90 14.15 33.63 -18.56
N ALA A 91 13.87 34.20 -17.39
CA ALA A 91 12.48 34.51 -16.93
C ALA A 91 12.54 35.41 -15.71
N TYR A 92 11.55 36.30 -15.61
CA TYR A 92 11.29 37.23 -14.49
C TYR A 92 10.31 36.51 -13.58
N VAL A 93 10.57 36.51 -12.27
CA VAL A 93 9.66 35.94 -11.25
C VAL A 93 9.20 37.08 -10.36
N GLU A 94 8.00 37.57 -10.54
CA GLU A 94 7.45 38.64 -9.68
C GLU A 94 6.73 37.99 -8.48
N LEU A 95 7.05 38.45 -7.26
CA LEU A 95 6.36 37.98 -6.03
C LEU A 95 5.59 39.14 -5.37
N SER A 96 4.36 38.88 -4.93
CA SER A 96 3.56 39.80 -4.06
C SER A 96 4.08 39.80 -2.62
N ALA A 97 5.09 38.97 -2.30
CA ALA A 97 5.60 38.78 -0.92
C ALA A 97 7.01 38.17 -0.93
N SER A 98 7.58 38.02 0.26
CA SER A 98 8.98 37.56 0.50
C SER A 98 9.13 36.07 0.18
N GLU A 99 8.08 35.34 -0.23
CA GLU A 99 8.23 33.89 -0.53
C GLU A 99 7.44 33.44 -1.77
N VAL A 100 7.98 32.44 -2.48
CA VAL A 100 7.31 31.72 -3.60
C VAL A 100 6.19 30.90 -3.01
N PRO A 101 4.98 30.88 -3.60
CA PRO A 101 3.94 29.97 -3.11
C PRO A 101 4.46 28.52 -3.12
N ILE A 102 3.99 27.68 -2.19
CA ILE A 102 4.54 26.31 -1.93
C ILE A 102 3.75 25.35 -2.82
N MET A 103 2.56 25.80 -3.27
CA MET A 103 1.64 25.05 -4.16
C MET A 103 1.47 23.64 -3.57
N ASP A 104 1.57 22.57 -4.38
CA ASP A 104 1.49 21.17 -3.88
C ASP A 104 2.81 20.78 -3.21
N GLY A 105 3.79 21.69 -3.18
CA GLY A 105 5.08 21.49 -2.50
C GLY A 105 6.07 20.66 -3.30
N SER A 106 5.81 20.46 -4.60
CA SER A 106 6.79 19.85 -5.55
C SER A 106 7.05 20.88 -6.66
N ALA A 107 7.64 20.45 -7.77
CA ALA A 107 7.95 21.27 -8.96
C ALA A 107 6.75 21.22 -9.91
N GLY A 108 5.85 20.24 -9.71
CA GLY A 108 4.75 19.82 -10.61
C GLY A 108 3.90 21.00 -11.04
N PRO A 109 3.40 21.79 -10.08
CA PRO A 109 2.66 23.01 -10.38
C PRO A 109 3.40 24.03 -11.26
N PHE A 110 4.68 24.25 -10.98
CA PHE A 110 5.48 25.20 -11.76
C PHE A 110 5.70 24.58 -13.14
N VAL A 111 6.06 23.32 -13.20
CA VAL A 111 6.27 22.62 -14.49
C VAL A 111 5.05 22.87 -15.37
N PHE A 112 3.86 22.60 -14.80
CA PHE A 112 2.59 22.66 -15.51
C PHE A 112 2.32 24.11 -15.92
N LEU A 113 2.53 25.10 -15.05
CA LEU A 113 2.31 26.51 -15.45
C LEU A 113 3.30 26.89 -16.58
N ILE A 114 4.54 26.37 -16.60
CA ILE A 114 5.55 26.72 -17.65
C ILE A 114 5.21 26.01 -18.98
N GLN A 115 4.78 24.77 -18.91
CA GLN A 115 4.33 24.05 -20.13
C GLN A 115 3.13 24.80 -20.76
N SER A 116 2.31 25.39 -19.89
CA SER A 116 1.01 26.02 -20.26
C SER A 116 1.33 27.40 -20.81
N ALA A 117 2.31 28.08 -20.23
CA ALA A 117 2.85 29.35 -20.77
C ALA A 117 3.36 29.09 -22.18
N GLY A 118 4.13 28.01 -22.36
CA GLY A 118 4.86 27.73 -23.61
C GLY A 118 6.32 28.15 -23.56
N LEU A 119 7.18 27.38 -24.20
CA LEU A 119 8.64 27.67 -24.28
C LEU A 119 8.85 28.56 -25.52
N GLN A 120 9.63 29.63 -25.39
CA GLN A 120 10.03 30.47 -26.55
C GLN A 120 11.54 30.38 -26.73
N GLU A 121 11.98 29.78 -27.85
CA GLU A 121 13.40 29.87 -28.31
C GLU A 121 13.79 31.33 -28.49
N GLN A 122 15.01 31.67 -28.11
CA GLN A 122 15.60 32.99 -28.40
C GLN A 122 16.80 32.81 -29.36
N GLU A 123 17.15 33.84 -30.12
CA GLU A 123 18.27 33.80 -31.09
C GLU A 123 19.56 34.13 -30.36
N ALA A 124 20.06 33.16 -29.59
CA ALA A 124 21.32 33.24 -28.82
C ALA A 124 21.65 31.85 -28.27
N ALA A 125 22.93 31.49 -28.29
CA ALA A 125 23.48 30.18 -27.89
C ALA A 125 23.17 29.90 -26.42
N LYS A 126 22.55 28.75 -26.15
CA LYS A 126 22.38 28.27 -24.75
C LYS A 126 23.74 27.92 -24.21
N LYS A 127 24.11 28.49 -23.05
CA LYS A 127 25.44 28.31 -22.43
C LYS A 127 25.32 27.17 -21.43
N PHE A 128 26.27 26.24 -21.44
CA PHE A 128 26.36 25.10 -20.49
C PHE A 128 27.59 25.23 -19.62
N ILE A 129 27.47 24.83 -18.36
CA ILE A 129 28.65 24.65 -17.47
C ILE A 129 28.93 23.14 -17.41
N ARG A 130 30.05 22.78 -18.03
CA ARG A 130 30.58 21.42 -18.20
C ARG A 130 31.64 21.19 -17.12
N ILE A 131 31.40 20.23 -16.23
CA ILE A 131 32.38 19.83 -15.16
C ILE A 131 33.56 19.10 -15.83
N LYS A 132 34.77 19.63 -15.62
CA LYS A 132 36.01 19.14 -16.24
C LYS A 132 36.66 18.11 -15.30
N ARG A 133 36.62 18.40 -13.99
CA ARG A 133 37.38 17.71 -12.92
C ARG A 133 36.53 17.71 -11.64
N GLU A 134 36.74 16.71 -10.77
CA GLU A 134 35.88 16.45 -9.59
C GLU A 134 36.02 17.63 -8.62
N VAL A 135 34.93 17.98 -7.95
CA VAL A 135 34.82 19.07 -6.94
C VAL A 135 33.91 18.53 -5.82
N SER A 136 34.27 18.72 -4.54
CA SER A 136 33.54 18.08 -3.41
C SER A 136 33.55 18.97 -2.18
N VAL A 137 32.50 18.89 -1.35
CA VAL A 137 32.42 19.55 0.00
C VAL A 137 31.80 18.53 0.96
N GLU A 138 32.16 18.66 2.23
CA GLU A 138 31.76 17.79 3.36
C GLU A 138 31.33 18.68 4.53
N GLU A 139 30.30 18.26 5.25
CA GLU A 139 29.88 18.90 6.52
C GLU A 139 29.53 17.78 7.48
N GLY A 140 30.35 17.56 8.52
CA GLY A 140 30.33 16.33 9.33
C GLY A 140 30.35 15.11 8.41
N ASP A 141 29.24 14.36 8.36
CA ASP A 141 29.07 13.16 7.49
C ASP A 141 28.48 13.56 6.13
N LYS A 142 28.04 14.81 5.97
CA LYS A 142 27.29 15.29 4.76
C LYS A 142 28.29 15.54 3.63
N ARG A 143 27.97 15.11 2.42
CA ARG A 143 28.86 15.15 1.24
C ARG A 143 28.07 15.61 0.01
N ALA A 144 28.59 16.60 -0.70
CA ALA A 144 28.18 16.92 -2.08
C ALA A 144 29.44 16.97 -2.95
N VAL A 145 29.29 16.56 -4.21
CA VAL A 145 30.40 16.23 -5.12
C VAL A 145 29.88 16.48 -6.52
N PHE A 146 30.69 17.14 -7.33
CA PHE A 146 30.47 17.29 -8.80
C PHE A 146 31.48 16.39 -9.49
N VAL A 147 31.02 15.56 -10.43
CA VAL A 147 31.89 14.65 -11.22
C VAL A 147 31.67 14.92 -12.70
N PRO A 148 32.76 14.96 -13.51
CA PRO A 148 32.64 14.99 -14.97
C PRO A 148 31.70 13.88 -15.50
N PHE A 149 30.90 14.24 -16.49
CA PHE A 149 29.86 13.33 -17.03
C PHE A 149 29.32 13.88 -18.36
N ASP A 150 29.00 12.97 -19.28
CA ASP A 150 28.49 13.29 -20.63
C ASP A 150 26.95 13.31 -20.59
N GLY A 151 26.42 14.32 -19.89
CA GLY A 151 24.97 14.47 -19.64
C GLY A 151 24.73 15.21 -18.34
N PHE A 152 23.53 15.12 -17.80
CA PHE A 152 23.24 15.65 -16.46
C PHE A 152 22.79 14.47 -15.67
N LYS A 153 23.36 14.31 -14.49
CA LYS A 153 23.06 13.12 -13.67
C LYS A 153 23.06 13.56 -12.21
N VAL A 154 22.01 13.23 -11.47
CA VAL A 154 21.91 13.59 -10.03
C VAL A 154 21.66 12.30 -9.28
N SER A 155 22.54 12.00 -8.35
CA SER A 155 22.49 10.79 -7.50
C SER A 155 22.35 11.26 -6.06
N PHE A 156 21.36 10.76 -5.34
CA PHE A 156 21.17 11.14 -3.93
C PHE A 156 21.03 9.88 -3.08
N GLU A 157 21.67 9.96 -1.92
CA GLU A 157 21.62 8.90 -0.89
C GLU A 157 21.44 9.57 0.46
N ILE A 158 20.45 9.19 1.26
CA ILE A 158 20.48 9.61 2.68
C ILE A 158 20.09 8.45 3.59
N ASP A 159 20.75 8.40 4.76
CA ASP A 159 20.45 7.53 5.93
C ASP A 159 19.72 8.41 6.96
N PHE A 160 18.39 8.53 6.88
CA PHE A 160 17.62 9.21 7.96
C PHE A 160 17.10 8.13 8.91
N ASP A 161 17.46 8.33 10.18
CA ASP A 161 17.17 7.41 11.29
C ASP A 161 15.69 7.62 11.67
N HIS A 162 14.78 7.06 10.89
CA HIS A 162 13.34 7.11 11.20
C HIS A 162 12.76 5.73 10.90
N PRO A 163 11.71 5.11 11.68
CA PRO A 163 10.83 3.68 11.59
C PRO A 163 10.40 3.68 10.11
N VAL A 164 10.08 4.84 9.56
CA VAL A 164 9.55 4.93 8.16
C VAL A 164 10.51 4.28 7.15
N PHE A 165 11.82 4.46 7.31
CA PHE A 165 12.83 3.98 6.33
C PHE A 165 13.22 2.53 6.58
N ARG A 166 12.68 1.89 7.62
CA ARG A 166 12.95 0.47 7.92
C ARG A 166 14.45 0.15 8.06
N GLY A 167 15.27 1.10 8.47
CA GLY A 167 16.70 0.93 8.80
C GLY A 167 17.65 1.07 7.62
N ARG A 168 17.14 1.47 6.46
CA ARG A 168 17.84 1.44 5.16
C ARG A 168 18.07 2.87 4.68
N THR A 169 19.33 3.15 4.35
CA THR A 169 19.73 4.22 3.40
C THR A 169 18.72 4.27 2.24
N GLN A 170 18.26 5.48 1.94
CA GLN A 170 17.45 5.83 0.75
C GLN A 170 18.41 6.32 -0.34
N GLN A 171 18.35 5.73 -1.53
CA GLN A 171 19.15 6.16 -2.69
C GLN A 171 18.26 6.27 -3.93
N ALA A 172 18.62 7.20 -4.82
CA ALA A 172 18.06 7.36 -6.17
C ALA A 172 19.14 8.01 -7.05
N SER A 173 19.29 7.53 -8.28
CA SER A 173 20.03 8.20 -9.37
C SER A 173 19.01 8.73 -10.38
N VAL A 174 19.29 9.87 -11.02
CA VAL A 174 18.55 10.30 -12.24
C VAL A 174 19.55 10.74 -13.31
N ASP A 175 19.49 10.07 -14.45
CA ASP A 175 20.18 10.42 -15.72
C ASP A 175 19.15 11.03 -16.67
N PHE A 176 19.30 12.29 -17.04
CA PHE A 176 18.30 13.08 -17.82
C PHE A 176 18.53 12.88 -19.32
N SER A 177 19.09 11.73 -19.69
CA SER A 177 19.15 11.19 -21.08
C SER A 177 18.04 10.16 -21.26
N SER A 178 17.91 9.24 -20.29
CA SER A 178 16.82 8.22 -20.22
C SER A 178 15.67 8.74 -19.34
N THR A 179 15.94 9.02 -18.06
CA THR A 179 14.95 9.40 -17.01
C THR A 179 14.55 10.88 -17.17
N SER A 180 13.24 11.13 -17.32
CA SER A 180 12.66 12.48 -17.56
C SER A 180 12.45 13.16 -16.20
N PHE A 181 12.82 14.44 -16.09
CA PHE A 181 12.64 15.22 -14.84
C PHE A 181 11.14 15.24 -14.53
N VAL A 182 10.34 15.47 -15.56
CA VAL A 182 8.88 15.71 -15.43
C VAL A 182 8.23 14.45 -14.84
N LYS A 183 8.52 13.28 -15.43
CA LYS A 183 7.81 12.01 -15.09
C LYS A 183 8.30 11.53 -13.72
N GLU A 184 9.56 11.71 -13.36
CA GLU A 184 10.14 10.83 -12.29
C GLU A 184 10.63 11.63 -11.08
N VAL A 185 10.78 12.96 -11.15
CA VAL A 185 11.20 13.75 -9.96
C VAL A 185 10.23 14.90 -9.69
N SER A 186 9.69 15.56 -10.73
CA SER A 186 9.02 16.89 -10.64
C SER A 186 7.89 16.95 -9.61
N ARG A 187 7.15 15.87 -9.38
CA ARG A 187 5.93 15.88 -8.52
C ARG A 187 6.26 15.40 -7.11
N ALA A 188 7.53 15.10 -6.80
CA ALA A 188 7.89 14.47 -5.51
C ALA A 188 7.79 15.52 -4.41
N ARG A 189 7.22 15.14 -3.28
CA ARG A 189 7.04 16.03 -2.11
C ARG A 189 8.04 15.60 -1.06
N THR A 190 8.40 16.51 -0.18
CA THR A 190 9.33 16.19 0.90
C THR A 190 8.57 15.46 2.00
N PHE A 191 9.33 14.88 2.93
CA PHE A 191 8.80 14.34 4.21
C PHE A 191 8.92 15.43 5.27
N GLY A 192 7.79 15.81 5.85
CA GLY A 192 7.68 16.65 7.04
C GLY A 192 7.50 15.79 8.29
N PHE A 193 8.31 16.07 9.32
CA PHE A 193 8.38 15.28 10.58
C PHE A 193 7.63 16.04 11.66
N MET A 194 6.56 15.46 12.20
CA MET A 194 5.67 16.15 13.18
C MET A 194 6.53 16.92 14.20
N ARG A 195 7.59 16.29 14.71
CA ARG A 195 8.51 16.89 15.70
C ARG A 195 8.92 18.30 15.23
N ASP A 196 9.30 18.42 13.96
CA ASP A 196 9.89 19.66 13.38
C ASP A 196 8.78 20.70 13.16
N ILE A 197 7.67 20.23 12.60
CA ILE A 197 6.53 21.10 12.17
C ILE A 197 5.88 21.70 13.43
N GLU A 198 5.79 20.90 14.50
CA GLU A 198 5.12 21.24 15.79
C GLU A 198 5.85 22.43 16.42
N TYR A 199 7.18 22.36 16.49
CA TYR A 199 8.07 23.45 16.96
C TYR A 199 7.72 24.73 16.17
N LEU A 200 7.84 24.68 14.85
CA LEU A 200 7.70 25.85 13.94
C LEU A 200 6.33 26.51 14.13
N ARG A 201 5.26 25.71 14.08
CA ARG A 201 3.85 26.20 14.15
C ARG A 201 3.62 26.92 15.48
N SER A 202 4.09 26.37 16.60
CA SER A 202 4.05 27.01 17.95
C SER A 202 4.61 28.43 17.85
N GLN A 203 5.74 28.57 17.11
CA GLN A 203 6.51 29.83 16.94
C GLN A 203 6.00 30.67 15.78
N ASN A 204 4.79 30.39 15.28
CA ASN A 204 4.20 31.10 14.10
C ASN A 204 5.17 31.07 12.91
N LEU A 205 5.73 29.89 12.58
CA LEU A 205 6.57 29.66 11.39
C LEU A 205 6.15 28.34 10.70
N ALA A 206 6.42 28.21 9.40
CA ALA A 206 5.98 27.07 8.54
C ALA A 206 4.46 26.88 8.67
N LEU A 207 3.71 27.97 8.85
CA LEU A 207 2.22 27.97 8.99
C LEU A 207 1.57 27.34 7.76
N GLY A 208 2.11 27.59 6.55
CA GLY A 208 1.51 27.16 5.28
C GLY A 208 1.72 25.68 4.97
N GLY A 209 2.53 24.96 5.75
CA GLY A 209 2.92 23.56 5.46
C GLY A 209 1.94 22.56 6.05
N SER A 210 1.50 21.62 5.21
CA SER A 210 0.48 20.63 5.62
C SER A 210 0.58 19.39 4.74
N VAL A 211 -0.41 18.51 4.82
CA VAL A 211 -0.53 17.30 3.96
C VAL A 211 -0.87 17.68 2.49
N GLU A 212 -1.29 18.92 2.25
CA GLU A 212 -1.47 19.45 0.89
C GLU A 212 -0.11 19.69 0.22
N ASN A 213 1.00 19.87 0.95
CA ASN A 213 2.25 20.33 0.30
C ASN A 213 3.48 19.57 0.80
N ALA A 214 3.27 18.44 1.50
CA ALA A 214 4.25 17.62 2.25
C ALA A 214 3.68 16.23 2.56
N ILE A 215 4.53 15.22 2.50
CA ILE A 215 4.23 13.91 3.13
C ILE A 215 4.63 14.09 4.59
N VAL A 216 3.61 14.06 5.45
CA VAL A 216 3.75 14.34 6.88
C VAL A 216 3.91 12.99 7.58
N VAL A 217 4.98 12.86 8.32
CA VAL A 217 5.34 11.64 9.08
C VAL A 217 5.38 12.03 10.55
N ASP A 218 4.70 11.25 11.40
CA ASP A 218 4.82 11.34 12.89
C ASP A 218 5.99 10.46 13.32
N GLU A 219 6.25 10.36 14.62
CA GLU A 219 7.47 9.70 15.17
C GLU A 219 7.60 8.29 14.57
N ASN A 220 6.52 7.77 13.96
CA ASN A 220 6.42 6.34 13.57
C ASN A 220 6.17 6.16 12.07
N ARG A 221 5.18 6.86 11.48
CA ARG A 221 4.54 6.43 10.20
C ARG A 221 4.13 7.66 9.35
N VAL A 222 4.09 7.45 8.04
CA VAL A 222 3.57 8.46 7.10
C VAL A 222 2.05 8.49 7.30
N LEU A 223 1.56 9.62 7.77
CA LEU A 223 0.12 9.83 8.02
C LEU A 223 -0.65 9.75 6.70
N ASN A 224 -0.06 10.29 5.63
CA ASN A 224 -0.84 10.56 4.41
C ASN A 224 -0.24 9.77 3.27
N GLU A 225 -0.27 8.44 3.43
CA GLU A 225 0.26 7.49 2.42
C GLU A 225 -0.57 7.65 1.15
N ASP A 226 -1.77 8.16 1.30
CA ASP A 226 -2.71 8.43 0.19
C ASP A 226 -2.06 9.42 -0.80
N GLY A 227 -1.27 10.39 -0.32
CA GLY A 227 -0.57 11.39 -1.14
C GLY A 227 0.80 10.99 -1.68
N LEU A 228 1.35 9.80 -1.38
CA LEU A 228 2.57 9.31 -2.05
C LEU A 228 2.31 9.28 -3.56
N ARG A 229 3.26 9.79 -4.36
CA ARG A 229 3.20 9.72 -5.84
C ARG A 229 4.27 8.74 -6.36
N TYR A 230 5.34 8.48 -5.60
CA TYR A 230 6.48 7.67 -6.09
C TYR A 230 7.04 6.74 -5.02
N GLU A 231 7.70 5.67 -5.47
CA GLU A 231 8.64 4.89 -4.62
C GLU A 231 9.86 5.75 -4.31
N ASP A 232 10.33 5.74 -3.06
CA ASP A 232 11.53 6.48 -2.61
C ASP A 232 11.35 7.97 -2.93
N GLU A 233 10.14 8.48 -2.70
CA GLU A 233 9.74 9.88 -2.95
C GLU A 233 10.72 10.85 -2.24
N PHE A 234 11.13 10.55 -0.99
CA PHE A 234 11.92 11.51 -0.17
C PHE A 234 13.23 11.87 -0.91
N VAL A 235 14.05 10.89 -1.28
CA VAL A 235 15.33 11.14 -2.02
C VAL A 235 14.99 11.73 -3.40
N LYS A 236 13.83 11.40 -3.99
CA LYS A 236 13.43 11.98 -5.32
C LYS A 236 13.16 13.49 -5.14
N HIS A 237 12.54 13.88 -4.03
CA HIS A 237 12.39 15.31 -3.68
C HIS A 237 13.75 15.93 -3.36
N LYS A 238 14.66 15.21 -2.70
CA LYS A 238 16.02 15.73 -2.42
C LYS A 238 16.73 16.04 -3.74
N ILE A 239 16.62 15.15 -4.72
CA ILE A 239 17.16 15.31 -6.10
C ILE A 239 16.53 16.54 -6.78
N LEU A 240 15.25 16.80 -6.53
CA LEU A 240 14.47 17.94 -7.07
C LEU A 240 15.01 19.21 -6.44
N ASP A 241 15.39 19.13 -5.17
CA ASP A 241 15.86 20.28 -4.35
C ASP A 241 17.22 20.70 -4.91
N ALA A 242 18.09 19.70 -5.08
CA ALA A 242 19.43 19.80 -5.66
C ALA A 242 19.39 20.32 -7.11
N ILE A 243 18.52 19.79 -7.96
CA ILE A 243 18.33 20.34 -9.34
C ILE A 243 18.00 21.84 -9.21
N GLY A 244 17.16 22.25 -8.26
CA GLY A 244 16.80 23.67 -8.07
C GLY A 244 17.99 24.51 -7.60
N ASP A 245 18.72 24.00 -6.62
CA ASP A 245 19.89 24.67 -6.01
C ASP A 245 20.99 24.79 -7.06
N LEU A 246 21.25 23.73 -7.83
CA LEU A 246 22.33 23.71 -8.86
C LEU A 246 22.04 24.76 -9.96
N TYR A 247 20.77 25.11 -10.15
CA TYR A 247 20.40 26.07 -11.22
C TYR A 247 20.81 27.49 -10.83
N LEU A 248 21.19 27.75 -9.58
CA LEU A 248 21.74 29.06 -9.12
C LEU A 248 23.17 29.31 -9.70
N LEU A 249 23.77 28.31 -10.32
CA LEU A 249 24.93 28.43 -11.24
C LEU A 249 24.59 29.38 -12.43
N GLY A 250 23.34 29.50 -12.84
CA GLY A 250 22.92 30.45 -13.90
C GLY A 250 22.84 29.82 -15.29
N ASN A 251 23.19 28.53 -15.41
CA ASN A 251 23.19 27.75 -16.67
C ASN A 251 23.08 26.27 -16.35
N SER A 252 22.47 25.47 -17.25
CA SER A 252 22.43 23.99 -17.16
C SER A 252 23.84 23.44 -16.88
N LEU A 253 23.91 22.36 -16.10
CA LEU A 253 25.16 21.61 -15.81
C LEU A 253 25.24 20.41 -16.79
N ILE A 254 26.39 20.24 -17.44
CA ILE A 254 26.84 18.98 -18.12
C ILE A 254 27.75 18.29 -17.12
N GLY A 255 27.24 17.28 -16.43
CA GLY A 255 28.05 16.68 -15.36
C GLY A 255 27.19 15.96 -14.36
N GLU A 256 27.83 15.27 -13.45
CA GLU A 256 27.12 14.42 -12.47
C GLU A 256 27.20 15.12 -11.13
N PHE A 257 26.10 15.08 -10.40
CA PHE A 257 26.03 15.55 -9.01
C PHE A 257 25.83 14.33 -8.10
N ARG A 258 26.65 14.17 -7.05
CA ARG A 258 26.44 13.12 -6.02
C ARG A 258 26.25 13.75 -4.63
N GLY A 259 25.06 13.56 -4.04
CA GLY A 259 24.68 13.99 -2.68
C GLY A 259 24.58 12.82 -1.69
N PHE A 260 25.15 13.02 -0.50
CA PHE A 260 25.17 12.05 0.63
C PHE A 260 24.78 12.86 1.86
N LYS A 261 23.50 12.83 2.25
CA LYS A 261 22.99 13.55 3.44
C LYS A 261 22.96 15.05 3.17
N SER A 262 23.23 15.45 1.93
CA SER A 262 23.38 16.87 1.53
C SER A 262 22.01 17.54 1.64
N GLY A 263 22.04 18.85 1.76
CA GLY A 263 20.84 19.71 1.71
C GLY A 263 21.24 21.04 1.11
N HIS A 264 20.31 21.99 1.14
CA HIS A 264 20.43 23.35 0.57
C HIS A 264 21.73 24.00 0.98
N ALA A 265 22.08 23.94 2.28
CA ALA A 265 23.30 24.58 2.85
C ALA A 265 24.55 24.07 2.10
N LEU A 266 24.77 22.76 2.09
CA LEU A 266 25.95 22.14 1.45
C LEU A 266 25.86 22.29 -0.08
N ASN A 267 24.65 22.19 -0.62
CA ASN A 267 24.44 22.41 -2.06
C ASN A 267 25.06 23.75 -2.45
N ASN A 268 24.84 24.81 -1.65
CA ASN A 268 25.29 26.18 -1.99
C ASN A 268 26.82 26.22 -1.81
N GLN A 269 27.34 25.63 -0.71
CA GLN A 269 28.80 25.52 -0.50
C GLN A 269 29.41 24.84 -1.73
N LEU A 270 28.86 23.70 -2.17
CA LEU A 270 29.41 23.04 -3.38
C LEU A 270 29.51 24.09 -4.51
N LEU A 271 28.43 24.81 -4.80
CA LEU A 271 28.36 25.66 -6.02
C LEU A 271 29.48 26.70 -5.97
N ARG A 272 29.59 27.43 -4.86
CA ARG A 272 30.65 28.43 -4.61
C ARG A 272 32.03 27.81 -4.87
N THR A 273 32.35 26.74 -4.14
CA THR A 273 33.60 25.96 -4.25
C THR A 273 33.91 25.70 -5.74
N LEU A 274 32.93 25.31 -6.55
CA LEU A 274 33.10 25.06 -8.02
C LEU A 274 33.42 26.40 -8.69
N ILE A 275 32.63 27.44 -8.39
CA ILE A 275 32.83 28.79 -9.01
C ILE A 275 34.28 29.21 -8.71
N ALA A 276 34.70 29.19 -7.44
CA ALA A 276 36.10 29.47 -6.99
C ALA A 276 37.10 28.75 -7.91
N ASP A 277 36.86 27.46 -8.24
CA ASP A 277 37.78 26.51 -8.94
C ASP A 277 37.65 26.61 -10.47
N LYS A 278 38.12 27.71 -11.05
CA LYS A 278 37.87 28.10 -12.47
C LYS A 278 38.27 26.98 -13.42
N ASP A 279 39.28 26.18 -13.08
CA ASP A 279 39.77 25.06 -13.94
C ASP A 279 38.85 23.85 -13.84
N ALA A 280 37.97 23.77 -12.82
CA ALA A 280 37.04 22.61 -12.64
C ALA A 280 35.87 22.66 -13.65
N TRP A 281 35.71 23.75 -14.42
CA TRP A 281 34.53 23.91 -15.30
C TRP A 281 34.83 24.85 -16.48
N GLU A 282 34.10 24.69 -17.56
CA GLU A 282 34.16 25.56 -18.77
C GLU A 282 32.74 25.75 -19.30
N VAL A 283 32.48 26.87 -19.98
CA VAL A 283 31.18 27.18 -20.65
C VAL A 283 31.19 26.62 -22.08
N VAL A 284 30.21 25.83 -22.46
CA VAL A 284 30.11 25.33 -23.86
C VAL A 284 28.72 25.66 -24.42
N THR A 285 28.64 25.77 -25.76
CA THR A 285 27.39 25.84 -26.54
C THR A 285 27.47 24.74 -27.60
N PHE A 286 26.35 24.34 -28.19
CA PHE A 286 26.29 23.17 -29.12
C PHE A 286 25.58 23.51 -30.43
N GLU A 287 25.99 22.79 -31.48
CA GLU A 287 25.49 22.87 -32.88
C GLU A 287 25.32 21.45 -33.42
N MET B 1 -28.24 -35.23 -15.73
CA MET B 1 -28.54 -34.76 -14.34
C MET B 1 -27.27 -34.17 -13.71
N ILE B 2 -27.45 -33.32 -12.71
CA ILE B 2 -26.35 -32.82 -11.83
C ILE B 2 -25.92 -33.95 -10.87
N LYS B 3 -24.64 -34.35 -10.93
CA LYS B 3 -24.14 -35.58 -10.27
C LYS B 3 -23.36 -35.24 -9.01
N GLN B 4 -23.25 -36.19 -8.09
CA GLN B 4 -22.35 -36.03 -6.94
C GLN B 4 -20.90 -36.11 -7.48
N ARG B 5 -19.99 -35.48 -6.76
CA ARG B 5 -18.55 -35.47 -7.15
C ARG B 5 -17.81 -35.96 -5.92
N THR B 6 -16.73 -36.68 -6.17
CA THR B 6 -15.71 -37.02 -5.17
C THR B 6 -14.37 -36.63 -5.80
N LEU B 7 -13.27 -36.95 -5.13
CA LEU B 7 -11.88 -36.83 -5.63
C LEU B 7 -11.58 -37.99 -6.60
N LYS B 8 -10.66 -37.77 -7.53
CA LYS B 8 -10.29 -38.76 -8.57
C LYS B 8 -9.14 -39.61 -8.03
N ASN B 9 -8.37 -39.05 -7.09
CA ASN B 9 -7.10 -39.61 -6.58
C ASN B 9 -6.98 -39.30 -5.09
N ILE B 10 -6.30 -40.17 -4.37
CA ILE B 10 -5.81 -39.89 -3.00
C ILE B 10 -4.82 -38.73 -3.13
N ILE B 11 -4.78 -37.84 -2.15
CA ILE B 11 -3.62 -36.92 -2.04
C ILE B 11 -3.32 -36.67 -0.57
N ARG B 12 -2.02 -36.54 -0.32
CA ARG B 12 -1.43 -36.42 1.02
C ARG B 12 -0.91 -35.01 1.11
N ALA B 13 -1.13 -34.38 2.24
CA ALA B 13 -0.55 -33.07 2.59
C ALA B 13 -0.06 -33.11 4.04
N THR B 14 0.98 -32.35 4.32
CA THR B 14 1.59 -32.21 5.65
C THR B 14 1.59 -30.71 5.97
N GLY B 15 1.42 -30.38 7.23
CA GLY B 15 1.47 -29.00 7.74
C GLY B 15 1.66 -29.05 9.22
N VAL B 16 1.53 -27.89 9.87
CA VAL B 16 1.57 -27.79 11.35
C VAL B 16 0.13 -27.59 11.80
N GLY B 17 -0.27 -28.24 12.90
CA GLY B 17 -1.55 -27.98 13.59
C GLY B 17 -1.59 -26.60 14.22
N LEU B 18 -2.76 -25.99 14.32
CA LEU B 18 -2.80 -24.56 14.68
C LEU B 18 -2.43 -24.38 16.16
N HIS B 19 -2.71 -25.39 17.00
CA HIS B 19 -2.57 -25.34 18.48
C HIS B 19 -1.39 -26.20 18.95
N SER B 20 -1.06 -27.31 18.27
CA SER B 20 0.08 -28.17 18.67
C SER B 20 1.42 -27.58 18.18
N GLY B 21 1.40 -26.83 17.08
CA GLY B 21 2.57 -26.23 16.42
C GLY B 21 3.48 -27.28 15.82
N GLU B 22 2.97 -28.52 15.68
CA GLU B 22 3.76 -29.71 15.31
C GLU B 22 3.20 -30.34 14.01
N LYS B 23 4.04 -31.10 13.31
CA LYS B 23 3.73 -31.77 12.02
C LYS B 23 2.43 -32.59 12.16
N VAL B 24 1.50 -32.42 11.24
CA VAL B 24 0.28 -33.27 11.17
C VAL B 24 0.07 -33.66 9.71
N TYR B 25 -0.26 -34.95 9.51
CA TYR B 25 -0.39 -35.61 8.19
C TYR B 25 -1.86 -35.65 7.79
N LEU B 26 -2.13 -35.27 6.55
CA LEU B 26 -3.50 -35.15 6.00
C LEU B 26 -3.58 -36.00 4.72
N THR B 27 -4.56 -36.89 4.64
CA THR B 27 -4.86 -37.67 3.39
C THR B 27 -6.31 -37.48 3.00
N LEU B 28 -6.56 -37.00 1.78
CA LEU B 28 -7.91 -36.88 1.16
C LEU B 28 -8.12 -38.10 0.25
N LYS B 29 -9.23 -38.82 0.36
CA LYS B 29 -9.46 -40.01 -0.50
C LYS B 29 -10.87 -39.95 -1.08
N PRO B 30 -11.12 -40.61 -2.23
CA PRO B 30 -12.48 -40.68 -2.73
C PRO B 30 -13.32 -41.37 -1.66
N ALA B 31 -14.61 -41.11 -1.64
CA ALA B 31 -15.60 -41.85 -0.83
C ALA B 31 -16.78 -42.19 -1.73
N PRO B 32 -17.57 -43.18 -1.33
CA PRO B 32 -18.83 -43.48 -2.02
C PRO B 32 -19.83 -42.32 -2.04
N VAL B 33 -20.76 -42.39 -3.00
CA VAL B 33 -21.99 -41.55 -3.11
C VAL B 33 -22.70 -41.54 -1.73
N ASP B 34 -23.17 -40.36 -1.29
CA ASP B 34 -24.02 -40.19 -0.07
C ASP B 34 -23.15 -40.38 1.20
N THR B 35 -21.83 -40.33 1.11
CA THR B 35 -20.95 -40.45 2.31
C THR B 35 -20.83 -39.05 2.96
N GLY B 36 -20.91 -38.00 2.14
CA GLY B 36 -20.53 -36.64 2.57
C GLY B 36 -19.05 -36.58 2.90
N ILE B 37 -18.64 -35.60 3.70
CA ILE B 37 -17.24 -35.45 4.18
C ILE B 37 -17.13 -36.15 5.55
N VAL B 38 -16.34 -37.21 5.64
CA VAL B 38 -16.05 -37.97 6.89
C VAL B 38 -14.55 -37.83 7.22
N PHE B 39 -14.27 -37.34 8.43
CA PHE B 39 -12.92 -37.22 9.06
C PHE B 39 -12.60 -38.52 9.82
N SER B 40 -11.35 -38.95 9.65
CA SER B 40 -10.76 -40.21 10.13
C SER B 40 -9.58 -39.83 11.02
N ARG B 41 -9.61 -40.21 12.30
CA ARG B 41 -8.42 -40.23 13.17
C ARG B 41 -7.75 -41.61 13.06
N THR B 42 -6.68 -41.72 12.25
CA THR B 42 -5.99 -42.97 11.87
C THR B 42 -4.93 -43.34 12.91
N ASP B 43 -4.39 -42.33 13.60
CA ASP B 43 -3.42 -42.45 14.73
C ASP B 43 -4.07 -43.17 15.92
N LEU B 44 -5.39 -43.18 16.03
CA LEU B 44 -6.07 -43.93 17.12
C LEU B 44 -6.31 -45.38 16.68
N ASP B 45 -6.56 -46.27 17.65
CA ASP B 45 -6.62 -47.74 17.44
C ASP B 45 -7.71 -48.34 18.34
N PRO B 46 -8.92 -48.63 17.83
CA PRO B 46 -9.21 -48.59 16.39
C PRO B 46 -9.28 -47.17 15.81
N VAL B 47 -9.44 -47.07 14.49
CA VAL B 47 -9.70 -45.76 13.81
C VAL B 47 -11.07 -45.24 14.26
N VAL B 48 -11.14 -43.93 14.49
CA VAL B 48 -12.39 -43.19 14.85
C VAL B 48 -12.78 -42.30 13.68
N GLU B 49 -13.99 -42.50 13.15
CA GLU B 49 -14.60 -41.69 12.06
C GLU B 49 -15.53 -40.64 12.67
N ILE B 50 -15.40 -39.37 12.27
CA ILE B 50 -16.37 -38.29 12.64
C ILE B 50 -16.89 -37.69 11.34
N PRO B 51 -18.19 -37.84 11.02
CA PRO B 51 -18.78 -37.16 9.86
C PRO B 51 -18.79 -35.65 10.12
N ALA B 52 -18.51 -34.88 9.07
CA ALA B 52 -18.56 -33.40 9.03
C ALA B 52 -20.01 -32.96 9.04
N ARG B 53 -20.71 -33.14 10.16
CA ARG B 53 -22.16 -32.82 10.28
C ARG B 53 -22.33 -31.86 11.46
N ALA B 54 -23.27 -30.92 11.36
CA ALA B 54 -23.57 -29.92 12.42
C ALA B 54 -23.74 -30.60 13.78
N GLU B 55 -24.45 -31.72 13.79
CA GLU B 55 -24.75 -32.45 15.05
C GLU B 55 -23.43 -32.74 15.78
N ASN B 56 -22.31 -32.90 15.05
CA ASN B 56 -21.04 -33.47 15.56
C ASN B 56 -20.04 -32.36 15.93
N VAL B 57 -20.45 -31.09 15.89
CA VAL B 57 -19.64 -29.92 16.27
C VAL B 57 -19.61 -29.77 17.80
N GLY B 58 -18.41 -29.64 18.36
CA GLY B 58 -18.21 -29.19 19.76
C GLY B 58 -17.05 -28.21 19.85
N THR B 61 -15.02 -22.10 19.70
CA THR B 61 -14.41 -20.92 20.39
C THR B 61 -13.92 -19.89 19.35
N MET B 62 -12.77 -20.15 18.71
CA MET B 62 -12.18 -19.33 17.62
C MET B 62 -12.09 -20.18 16.35
N SER B 63 -12.74 -21.35 16.33
CA SER B 63 -12.70 -22.36 15.25
C SER B 63 -13.86 -23.37 15.39
N THR B 64 -14.07 -24.21 14.37
CA THR B 64 -15.10 -25.27 14.40
C THR B 64 -14.38 -26.60 14.73
N THR B 65 -14.87 -27.31 15.74
CA THR B 65 -14.29 -28.59 16.22
C THR B 65 -15.37 -29.64 16.12
N LEU B 66 -15.03 -30.79 15.54
CA LEU B 66 -15.91 -31.97 15.49
C LEU B 66 -15.49 -32.93 16.63
N VAL B 67 -16.44 -33.48 17.36
CA VAL B 67 -16.15 -34.43 18.45
C VAL B 67 -17.06 -35.65 18.28
N LYS B 68 -16.54 -36.83 18.64
CA LYS B 68 -17.33 -38.04 18.96
C LYS B 68 -16.60 -38.77 20.10
N GLY B 69 -17.16 -38.69 21.31
CA GLY B 69 -16.53 -39.17 22.55
C GLY B 69 -15.51 -38.16 23.03
N ASP B 70 -14.36 -38.65 23.49
CA ASP B 70 -13.15 -37.90 23.88
C ASP B 70 -12.36 -37.52 22.63
N VAL B 71 -12.78 -38.00 21.45
CA VAL B 71 -12.06 -37.80 20.15
C VAL B 71 -12.56 -36.53 19.49
N LYS B 72 -11.65 -35.64 19.09
CA LYS B 72 -11.97 -34.36 18.41
C LYS B 72 -11.18 -34.22 17.10
N VAL B 73 -11.65 -33.33 16.24
CA VAL B 73 -10.95 -32.82 15.02
C VAL B 73 -11.14 -31.29 15.03
N ASP B 74 -10.05 -30.55 15.14
CA ASP B 74 -10.01 -29.07 15.23
C ASP B 74 -9.71 -28.50 13.83
N THR B 75 -10.06 -27.23 13.64
CA THR B 75 -9.82 -26.45 12.42
C THR B 75 -10.38 -27.19 11.19
N VAL B 76 -11.68 -27.45 11.11
CA VAL B 76 -12.26 -28.19 9.94
C VAL B 76 -12.70 -27.15 8.90
N GLU B 77 -12.85 -25.90 9.30
CA GLU B 77 -13.64 -24.89 8.55
C GLU B 77 -12.96 -24.60 7.21
N HIS B 78 -11.65 -24.37 7.13
CA HIS B 78 -11.00 -23.98 5.86
C HIS B 78 -11.02 -25.14 4.83
N LEU B 79 -10.77 -26.38 5.28
CA LEU B 79 -10.84 -27.56 4.36
C LEU B 79 -12.31 -27.80 4.02
N LEU B 80 -13.26 -27.56 4.94
CA LEU B 80 -14.68 -27.80 4.60
C LEU B 80 -15.10 -26.79 3.53
N SER B 81 -14.54 -25.59 3.62
CA SER B 81 -14.85 -24.45 2.73
C SER B 81 -14.40 -24.76 1.31
N ALA B 82 -13.16 -25.23 1.14
CA ALA B 82 -12.62 -25.67 -0.18
C ALA B 82 -13.54 -26.76 -0.73
N MET B 83 -13.92 -27.75 0.10
CA MET B 83 -14.80 -28.86 -0.34
C MET B 83 -16.14 -28.28 -0.86
N ALA B 84 -16.78 -27.36 -0.10
CA ALA B 84 -18.05 -26.69 -0.52
C ALA B 84 -17.76 -25.88 -1.78
N GLY B 85 -16.65 -25.11 -1.77
CA GLY B 85 -16.28 -24.19 -2.86
C GLY B 85 -16.11 -24.91 -4.18
N LEU B 86 -15.60 -26.13 -4.16
CA LEU B 86 -15.34 -26.86 -5.41
C LEU B 86 -16.48 -27.85 -5.71
N GLY B 87 -17.51 -27.95 -4.87
CA GLY B 87 -18.59 -28.92 -5.11
C GLY B 87 -18.16 -30.37 -4.82
N ILE B 88 -17.31 -30.61 -3.82
CA ILE B 88 -16.97 -32.00 -3.41
C ILE B 88 -17.99 -32.48 -2.37
N ASP B 89 -18.84 -33.43 -2.79
CA ASP B 89 -19.90 -34.11 -2.00
C ASP B 89 -19.33 -35.19 -1.08
N ASN B 90 -18.45 -36.04 -1.61
CA ASN B 90 -18.03 -37.28 -0.90
C ASN B 90 -16.51 -37.33 -0.81
N ALA B 91 -15.93 -37.48 0.39
CA ALA B 91 -14.46 -37.58 0.58
C ALA B 91 -14.13 -38.00 2.01
N TYR B 92 -13.05 -38.79 2.12
CA TYR B 92 -12.44 -39.23 3.40
C TYR B 92 -11.35 -38.20 3.73
N VAL B 93 -11.35 -37.70 4.96
CA VAL B 93 -10.22 -36.88 5.51
C VAL B 93 -9.60 -37.70 6.63
N GLU B 94 -8.53 -38.39 6.31
CA GLU B 94 -7.65 -39.09 7.29
C GLU B 94 -6.70 -38.05 7.89
N LEU B 95 -6.64 -38.02 9.22
CA LEU B 95 -5.78 -37.11 10.02
C LEU B 95 -4.89 -37.94 10.97
N SER B 96 -3.58 -37.64 11.03
CA SER B 96 -2.58 -38.30 11.92
C SER B 96 -2.58 -37.67 13.33
N ALA B 97 -3.51 -36.75 13.63
CA ALA B 97 -3.55 -35.98 14.90
C ALA B 97 -4.86 -35.21 14.98
N SER B 98 -5.13 -34.56 16.12
CA SER B 98 -6.48 -34.03 16.45
C SER B 98 -6.78 -32.71 15.71
N GLU B 99 -6.03 -32.34 14.67
CA GLU B 99 -6.38 -31.12 13.91
C GLU B 99 -5.95 -31.20 12.46
N VAL B 100 -6.70 -30.51 11.61
CA VAL B 100 -6.38 -30.32 10.17
C VAL B 100 -5.16 -29.42 10.14
N PRO B 101 -4.17 -29.67 9.27
CA PRO B 101 -3.08 -28.69 9.12
C PRO B 101 -3.67 -27.31 8.76
N ILE B 102 -3.04 -26.26 9.30
CA ILE B 102 -3.53 -24.85 9.16
C ILE B 102 -3.05 -24.39 7.79
N MET B 103 -1.95 -24.98 7.30
CA MET B 103 -1.32 -24.65 5.99
C MET B 103 -1.07 -23.14 5.92
N ASP B 104 -1.58 -22.38 4.92
CA ASP B 104 -1.38 -20.89 4.88
C ASP B 104 -2.51 -20.13 5.57
N GLY B 105 -3.42 -20.83 6.27
CA GLY B 105 -4.50 -20.20 7.04
C GLY B 105 -5.72 -19.87 6.20
N SER B 106 -5.71 -20.25 4.92
CA SER B 106 -6.88 -20.14 4.03
C SER B 106 -7.29 -21.51 3.48
N ALA B 107 -8.16 -21.49 2.47
CA ALA B 107 -8.73 -22.67 1.78
C ALA B 107 -7.90 -22.97 0.53
N GLY B 108 -7.05 -22.02 0.13
CA GLY B 108 -6.22 -22.06 -1.11
C GLY B 108 -5.39 -23.34 -1.23
N PRO B 109 -4.61 -23.71 -0.20
CA PRO B 109 -3.87 -24.98 -0.23
C PRO B 109 -4.75 -26.21 -0.48
N PHE B 110 -5.93 -26.25 0.13
CA PHE B 110 -6.84 -27.42 0.04
C PHE B 110 -7.56 -27.38 -1.29
N VAL B 111 -7.91 -26.18 -1.72
CA VAL B 111 -8.45 -25.99 -3.09
C VAL B 111 -7.42 -26.53 -4.07
N PHE B 112 -6.16 -26.12 -3.94
CA PHE B 112 -5.11 -26.48 -4.90
C PHE B 112 -4.94 -28.01 -4.86
N LEU B 113 -4.84 -28.62 -3.69
CA LEU B 113 -4.73 -30.10 -3.56
C LEU B 113 -5.96 -30.79 -4.19
N ILE B 114 -7.15 -30.20 -4.11
CA ILE B 114 -8.36 -30.88 -4.65
C ILE B 114 -8.40 -30.78 -6.18
N GLN B 115 -8.06 -29.60 -6.75
CA GLN B 115 -8.00 -29.41 -8.23
C GLN B 115 -6.95 -30.39 -8.78
N SER B 116 -5.89 -30.56 -8.00
CA SER B 116 -4.71 -31.38 -8.34
C SER B 116 -5.09 -32.86 -8.30
N ALA B 117 -5.93 -33.25 -7.33
CA ALA B 117 -6.50 -34.60 -7.19
C ALA B 117 -7.40 -34.93 -8.38
N GLY B 118 -8.15 -33.94 -8.84
CA GLY B 118 -9.24 -34.12 -9.82
C GLY B 118 -10.60 -34.37 -9.17
N LEU B 119 -11.65 -33.88 -9.81
CA LEU B 119 -13.04 -34.14 -9.38
C LEU B 119 -13.50 -35.39 -10.14
N GLN B 120 -14.16 -36.34 -9.47
CA GLN B 120 -14.76 -37.56 -10.07
C GLN B 120 -16.26 -37.46 -9.89
N GLU B 121 -16.96 -37.24 -11.01
CA GLU B 121 -18.42 -37.43 -11.12
C GLU B 121 -18.80 -38.83 -10.67
N GLN B 122 -19.91 -38.92 -9.96
CA GLN B 122 -20.50 -40.18 -9.49
C GLN B 122 -21.89 -40.30 -10.10
N GLU B 123 -22.33 -41.53 -10.37
CA GLU B 123 -23.65 -41.82 -11.00
C GLU B 123 -24.75 -41.79 -9.92
N ALA B 124 -24.82 -40.73 -9.11
CA ALA B 124 -25.96 -40.42 -8.20
C ALA B 124 -26.28 -38.91 -8.27
N ALA B 125 -27.55 -38.52 -8.03
CA ALA B 125 -28.07 -37.13 -8.16
C ALA B 125 -27.51 -36.27 -7.02
N LYS B 126 -26.93 -35.12 -7.33
CA LYS B 126 -26.42 -34.21 -6.25
C LYS B 126 -27.62 -33.65 -5.46
N LYS B 127 -27.59 -33.76 -4.12
CA LYS B 127 -28.62 -33.27 -3.18
C LYS B 127 -28.19 -31.91 -2.65
N PHE B 128 -29.04 -30.89 -2.89
CA PHE B 128 -28.96 -29.51 -2.35
C PHE B 128 -30.00 -29.31 -1.24
N ILE B 129 -29.65 -28.50 -0.24
CA ILE B 129 -30.57 -28.08 0.86
C ILE B 129 -31.00 -26.66 0.50
N ARG B 130 -32.28 -26.51 0.12
CA ARG B 130 -32.89 -25.30 -0.45
C ARG B 130 -33.65 -24.58 0.66
N ILE B 131 -33.33 -23.31 0.91
CA ILE B 131 -34.02 -22.54 1.99
C ILE B 131 -35.42 -22.15 1.50
N LYS B 132 -36.46 -22.47 2.29
CA LYS B 132 -37.86 -22.13 1.96
C LYS B 132 -38.27 -20.84 2.68
N ARG B 133 -37.82 -20.60 3.90
CA ARG B 133 -38.22 -19.37 4.62
C ARG B 133 -37.13 -18.96 5.61
N GLU B 134 -37.09 -17.67 5.93
CA GLU B 134 -36.05 -17.06 6.78
C GLU B 134 -35.96 -17.88 8.07
N VAL B 135 -34.71 -18.15 8.48
CA VAL B 135 -34.34 -18.70 9.82
C VAL B 135 -33.18 -17.86 10.34
N SER B 136 -33.28 -17.36 11.56
CA SER B 136 -32.32 -16.38 12.12
C SER B 136 -31.99 -16.77 13.55
N VAL B 137 -30.75 -16.47 13.97
CA VAL B 137 -30.26 -16.61 15.36
C VAL B 137 -29.56 -15.30 15.69
N GLU B 138 -29.45 -15.03 16.98
CA GLU B 138 -28.99 -13.76 17.59
C GLU B 138 -28.32 -14.12 18.92
N GLU B 139 -27.15 -13.53 19.19
CA GLU B 139 -26.45 -13.67 20.48
C GLU B 139 -25.86 -12.30 20.81
N GLY B 140 -26.63 -11.48 21.55
CA GLY B 140 -26.37 -10.06 21.79
C GLY B 140 -26.54 -9.26 20.52
N ASP B 141 -25.45 -8.66 20.02
CA ASP B 141 -25.41 -7.85 18.77
C ASP B 141 -25.15 -8.77 17.55
N LYS B 142 -24.92 -10.07 17.76
CA LYS B 142 -24.55 -11.03 16.69
C LYS B 142 -25.82 -11.57 16.03
N ARG B 143 -25.82 -11.64 14.69
CA ARG B 143 -26.95 -12.09 13.85
C ARG B 143 -26.44 -13.02 12.75
N ALA B 144 -27.02 -14.21 12.62
CA ALA B 144 -26.84 -15.12 11.47
C ALA B 144 -28.23 -15.42 10.92
N VAL B 145 -28.40 -15.23 9.60
CA VAL B 145 -29.72 -15.44 8.93
C VAL B 145 -29.57 -16.26 7.64
N PHE B 146 -30.56 -17.10 7.39
CA PHE B 146 -30.71 -17.91 6.15
C PHE B 146 -31.95 -17.41 5.44
N VAL B 147 -31.81 -16.93 4.21
CA VAL B 147 -32.92 -16.26 3.44
C VAL B 147 -33.07 -17.02 2.13
N PRO B 148 -34.32 -17.31 1.68
CA PRO B 148 -34.51 -17.94 0.37
C PRO B 148 -33.80 -17.14 -0.72
N PHE B 149 -33.15 -17.86 -1.60
CA PHE B 149 -32.44 -17.22 -2.71
C PHE B 149 -32.28 -18.27 -3.80
N ASP B 150 -32.49 -17.85 -5.05
CA ASP B 150 -32.32 -18.72 -6.23
C ASP B 150 -30.80 -18.78 -6.56
N GLY B 151 -30.06 -19.55 -5.75
CA GLY B 151 -28.61 -19.74 -5.88
C GLY B 151 -27.95 -19.88 -4.53
N PHE B 152 -26.69 -19.47 -4.45
CA PHE B 152 -25.92 -19.48 -3.20
C PHE B 152 -25.24 -18.15 -3.02
N LYS B 153 -25.57 -17.48 -1.92
CA LYS B 153 -25.07 -16.11 -1.69
C LYS B 153 -24.66 -16.01 -0.24
N VAL B 154 -23.50 -15.38 -0.01
CA VAL B 154 -22.98 -15.15 1.37
C VAL B 154 -22.70 -13.66 1.53
N SER B 155 -23.35 -13.05 2.52
CA SER B 155 -23.20 -11.64 2.93
C SER B 155 -22.67 -11.56 4.37
N PHE B 156 -21.65 -10.73 4.61
CA PHE B 156 -20.96 -10.62 5.92
C PHE B 156 -20.54 -9.18 6.20
N GLU B 157 -21.03 -8.69 7.32
CA GLU B 157 -20.65 -7.36 7.87
C GLU B 157 -20.07 -7.62 9.26
N ILE B 158 -18.96 -6.98 9.63
CA ILE B 158 -18.56 -6.90 11.06
C ILE B 158 -18.06 -5.49 11.41
N ASP B 159 -18.47 -5.01 12.59
CA ASP B 159 -18.05 -3.74 13.25
C ASP B 159 -17.00 -4.14 14.28
N PHE B 160 -15.76 -4.34 13.84
CA PHE B 160 -14.62 -4.66 14.73
C PHE B 160 -13.97 -3.33 15.10
N ASP B 161 -13.94 -3.04 16.40
CA ASP B 161 -13.44 -1.76 16.95
C ASP B 161 -11.91 -1.83 17.00
N HIS B 162 -11.24 -1.46 15.91
CA HIS B 162 -9.75 -1.48 15.86
C HIS B 162 -9.24 -0.46 14.86
N PRO B 163 -8.19 0.33 15.19
CA PRO B 163 -7.71 1.41 14.33
C PRO B 163 -7.57 1.01 12.86
N VAL B 164 -7.15 -0.21 12.58
CA VAL B 164 -6.81 -0.60 11.19
C VAL B 164 -8.04 -0.56 10.27
N PHE B 165 -9.26 -0.68 10.81
CA PHE B 165 -10.55 -0.58 10.05
C PHE B 165 -10.97 0.88 9.96
N ARG B 166 -10.37 1.76 10.75
CA ARG B 166 -10.53 3.21 10.47
C ARG B 166 -11.98 3.59 10.73
N GLY B 167 -12.57 3.03 11.80
CA GLY B 167 -13.92 3.31 12.36
C GLY B 167 -15.10 2.84 11.51
N ARG B 168 -14.86 2.00 10.50
CA ARG B 168 -15.90 1.60 9.53
C ARG B 168 -16.21 0.12 9.73
N THR B 169 -17.51 -0.20 9.77
CA THR B 169 -18.06 -1.55 9.47
C THR B 169 -17.35 -2.06 8.23
N GLN B 170 -16.95 -3.33 8.27
CA GLN B 170 -16.42 -4.10 7.11
C GLN B 170 -17.56 -4.97 6.55
N GLN B 171 -17.85 -4.85 5.25
CA GLN B 171 -18.91 -5.67 4.59
C GLN B 171 -18.35 -6.31 3.32
N ALA B 172 -18.92 -7.44 2.95
CA ALA B 172 -18.81 -8.08 1.62
C ALA B 172 -20.06 -8.94 1.39
N SER B 173 -20.51 -9.07 0.13
CA SER B 173 -21.56 -10.05 -0.27
C SER B 173 -21.12 -10.80 -1.54
N VAL B 174 -20.95 -12.12 -1.47
CA VAL B 174 -20.51 -12.94 -2.64
C VAL B 174 -21.73 -13.71 -3.19
N ASP B 175 -22.15 -13.39 -4.41
CA ASP B 175 -23.15 -14.19 -5.16
C ASP B 175 -22.38 -15.08 -6.12
N PHE B 176 -22.36 -16.39 -5.85
CA PHE B 176 -21.57 -17.40 -6.62
C PHE B 176 -22.23 -17.68 -7.97
N SER B 177 -23.24 -16.87 -8.38
CA SER B 177 -23.80 -16.84 -9.75
C SER B 177 -22.98 -15.88 -10.61
N SER B 178 -22.00 -15.21 -10.00
CA SER B 178 -20.96 -14.42 -10.69
C SER B 178 -19.59 -14.80 -10.10
N THR B 179 -19.28 -14.26 -8.91
CA THR B 179 -17.96 -14.32 -8.24
C THR B 179 -17.50 -15.79 -8.03
N SER B 180 -16.24 -16.03 -8.32
CA SER B 180 -15.55 -17.33 -8.13
C SER B 180 -15.23 -17.50 -6.64
N PHE B 181 -15.55 -18.64 -6.06
CA PHE B 181 -15.11 -18.95 -4.68
C PHE B 181 -13.58 -18.91 -4.69
N VAL B 182 -12.98 -19.54 -5.69
CA VAL B 182 -11.51 -19.68 -5.84
C VAL B 182 -10.86 -18.29 -5.91
N LYS B 183 -11.22 -17.48 -6.90
CA LYS B 183 -10.56 -16.18 -7.17
C LYS B 183 -10.78 -15.26 -5.98
N GLU B 184 -12.00 -15.15 -5.46
CA GLU B 184 -12.36 -13.94 -4.65
C GLU B 184 -12.43 -14.19 -3.14
N VAL B 185 -12.43 -15.45 -2.70
CA VAL B 185 -12.60 -15.80 -1.27
C VAL B 185 -11.54 -16.81 -0.81
N SER B 186 -11.22 -17.83 -1.61
CA SER B 186 -10.58 -19.07 -1.10
C SER B 186 -9.21 -18.78 -0.47
N ARG B 187 -8.55 -17.69 -0.87
CA ARG B 187 -7.16 -17.41 -0.43
C ARG B 187 -7.11 -16.39 0.72
N ALA B 188 -8.25 -15.96 1.27
CA ALA B 188 -8.22 -14.91 2.31
C ALA B 188 -7.74 -15.51 3.64
N ARG B 189 -6.87 -14.82 4.36
CA ARG B 189 -6.39 -15.23 5.70
C ARG B 189 -7.19 -14.47 6.74
N THR B 190 -7.24 -14.93 7.99
CA THR B 190 -7.90 -14.19 9.08
C THR B 190 -6.94 -13.13 9.61
N PHE B 191 -7.51 -12.17 10.33
CA PHE B 191 -6.71 -11.20 11.12
C PHE B 191 -6.55 -11.80 12.51
N GLY B 192 -5.34 -12.22 12.88
CA GLY B 192 -5.01 -12.59 14.27
C GLY B 192 -4.56 -11.36 15.05
N PHE B 193 -5.08 -11.16 16.25
CA PHE B 193 -4.75 -9.98 17.10
C PHE B 193 -3.72 -10.37 18.16
N MET B 194 -2.60 -9.64 18.22
CA MET B 194 -1.52 -9.89 19.22
C MET B 194 -2.13 -10.05 20.61
N ARG B 195 -3.03 -9.15 21.03
CA ARG B 195 -3.70 -9.20 22.36
C ARG B 195 -4.18 -10.64 22.62
N ASP B 196 -4.72 -11.29 21.60
CA ASP B 196 -5.25 -12.67 21.69
C ASP B 196 -4.08 -13.66 21.57
N ILE B 197 -3.23 -13.48 20.55
CA ILE B 197 -2.18 -14.48 20.20
C ILE B 197 -1.27 -14.65 21.41
N GLU B 198 -0.89 -13.52 22.03
CA GLU B 198 0.12 -13.44 23.11
C GLU B 198 -0.36 -14.30 24.28
N TYR B 199 -1.65 -14.19 24.62
CA TYR B 199 -2.30 -15.00 25.70
C TYR B 199 -2.18 -16.49 25.38
N LEU B 200 -2.54 -16.87 24.15
CA LEU B 200 -2.62 -18.30 23.75
C LEU B 200 -1.22 -18.90 23.81
N ARG B 201 -0.23 -18.20 23.24
CA ARG B 201 1.18 -18.68 23.19
C ARG B 201 1.74 -18.93 24.62
N SER B 202 1.40 -18.09 25.60
CA SER B 202 1.91 -18.22 27.00
C SER B 202 1.32 -19.47 27.67
N GLN B 203 0.13 -19.88 27.24
CA GLN B 203 -0.59 -21.09 27.71
C GLN B 203 -0.23 -22.31 26.84
N ASN B 204 0.84 -22.20 26.07
CA ASN B 204 1.34 -23.26 25.15
C ASN B 204 0.29 -23.55 24.08
N LEU B 205 -0.55 -22.57 23.75
CA LEU B 205 -1.68 -22.72 22.79
C LEU B 205 -1.48 -21.81 21.58
N ALA B 206 -2.15 -22.15 20.46
CA ALA B 206 -2.01 -21.44 19.17
C ALA B 206 -0.54 -21.40 18.75
N LEU B 207 0.18 -22.50 18.97
CA LEU B 207 1.63 -22.56 18.75
C LEU B 207 1.89 -22.48 17.25
N GLY B 208 0.91 -22.89 16.45
CA GLY B 208 1.11 -22.98 14.99
C GLY B 208 0.88 -21.65 14.27
N GLY B 209 0.17 -20.71 14.91
CA GLY B 209 -0.30 -19.44 14.31
C GLY B 209 0.77 -18.36 14.22
N SER B 210 0.99 -17.82 13.03
CA SER B 210 2.07 -16.84 12.73
C SER B 210 1.69 -16.06 11.50
N VAL B 211 2.55 -15.13 11.07
CA VAL B 211 2.38 -14.38 9.78
C VAL B 211 2.41 -15.37 8.61
N GLU B 212 2.75 -16.66 8.82
CA GLU B 212 2.64 -17.70 7.77
C GLU B 212 1.17 -18.01 7.47
N ASN B 213 0.28 -17.89 8.45
CA ASN B 213 -1.11 -18.42 8.33
C ASN B 213 -2.19 -17.41 8.71
N ALA B 214 -1.82 -16.13 8.91
CA ALA B 214 -2.67 -15.06 9.48
C ALA B 214 -2.11 -13.68 9.11
N ILE B 215 -3.00 -12.72 8.86
CA ILE B 215 -2.65 -11.27 8.91
C ILE B 215 -2.55 -10.97 10.40
N VAL B 216 -1.33 -10.73 10.89
CA VAL B 216 -1.09 -10.40 12.31
C VAL B 216 -1.22 -8.88 12.44
N VAL B 217 -2.15 -8.45 13.28
CA VAL B 217 -2.38 -7.01 13.61
C VAL B 217 -1.99 -6.80 15.08
N ASP B 218 -1.11 -5.84 15.34
CA ASP B 218 -0.83 -5.41 16.73
C ASP B 218 -1.98 -4.47 17.12
N GLU B 219 -1.89 -3.76 18.24
CA GLU B 219 -2.99 -2.91 18.80
C GLU B 219 -3.28 -1.73 17.86
N ASN B 220 -2.50 -1.53 16.80
CA ASN B 220 -2.55 -0.31 15.96
C ASN B 220 -2.73 -0.67 14.46
N ARG B 221 -1.89 -1.55 13.91
CA ARG B 221 -1.64 -1.66 12.44
C ARG B 221 -1.34 -3.13 12.02
N VAL B 222 -1.52 -3.42 10.74
CA VAL B 222 -1.17 -4.75 10.17
C VAL B 222 0.35 -4.79 10.06
N LEU B 223 0.94 -5.78 10.70
CA LEU B 223 2.40 -6.02 10.73
C LEU B 223 2.86 -6.52 9.37
N ASN B 224 2.11 -7.47 8.83
CA ASN B 224 2.48 -8.13 7.57
C ASN B 224 1.53 -7.72 6.46
N GLU B 225 1.61 -6.47 6.01
CA GLU B 225 0.78 -5.91 4.90
C GLU B 225 1.14 -6.67 3.61
N ASP B 226 2.38 -7.11 3.47
CA ASP B 226 2.90 -7.94 2.35
C ASP B 226 2.04 -9.21 2.20
N GLY B 227 1.61 -9.81 3.31
CA GLY B 227 0.73 -10.98 3.38
C GLY B 227 -0.68 -10.71 2.85
N LEU B 228 -1.15 -9.48 2.81
CA LEU B 228 -2.52 -9.22 2.30
C LEU B 228 -2.63 -9.68 0.84
N ARG B 229 -3.72 -10.33 0.48
CA ARG B 229 -4.04 -10.78 -0.89
C ARG B 229 -5.33 -10.13 -1.39
N TYR B 230 -6.21 -9.67 -0.50
CA TYR B 230 -7.45 -8.97 -0.94
C TYR B 230 -7.71 -7.67 -0.16
N GLU B 231 -8.41 -6.75 -0.84
CA GLU B 231 -9.28 -5.70 -0.21
C GLU B 231 -10.30 -6.41 0.69
N ASP B 232 -10.46 -5.92 1.92
CA ASP B 232 -11.52 -6.35 2.87
C ASP B 232 -11.28 -7.81 3.22
N GLU B 233 -10.02 -8.18 3.35
CA GLU B 233 -9.62 -9.61 3.36
C GLU B 233 -10.25 -10.23 4.58
N PHE B 234 -10.43 -9.45 5.66
CA PHE B 234 -10.91 -9.94 6.98
C PHE B 234 -12.31 -10.53 6.78
N VAL B 235 -13.20 -9.77 6.15
CA VAL B 235 -14.61 -10.21 5.93
C VAL B 235 -14.64 -11.28 4.83
N LYS B 236 -13.71 -11.28 3.88
CA LYS B 236 -13.60 -12.38 2.88
C LYS B 236 -13.28 -13.66 3.66
N HIS B 237 -12.39 -13.61 4.63
CA HIS B 237 -12.12 -14.80 5.46
C HIS B 237 -13.38 -15.21 6.26
N LYS B 238 -14.13 -14.24 6.82
CA LYS B 238 -15.30 -14.59 7.64
C LYS B 238 -16.25 -15.37 6.72
N ILE B 239 -16.34 -14.96 5.45
CA ILE B 239 -17.19 -15.58 4.41
C ILE B 239 -16.69 -17.01 4.15
N LEU B 240 -15.39 -17.20 3.95
CA LEU B 240 -14.70 -18.50 3.75
C LEU B 240 -15.09 -19.44 4.88
N ASP B 241 -15.06 -18.89 6.09
CA ASP B 241 -15.32 -19.59 7.37
C ASP B 241 -16.77 -20.06 7.37
N ALA B 242 -17.70 -19.17 7.03
CA ALA B 242 -19.16 -19.46 7.06
C ALA B 242 -19.46 -20.55 6.02
N ILE B 243 -18.95 -20.40 4.79
CA ILE B 243 -19.06 -21.40 3.68
C ILE B 243 -18.59 -22.75 4.23
N GLY B 244 -17.50 -22.80 4.98
CA GLY B 244 -17.06 -24.07 5.58
C GLY B 244 -18.06 -24.55 6.62
N ASP B 245 -18.65 -23.61 7.37
CA ASP B 245 -19.51 -23.91 8.54
C ASP B 245 -20.81 -24.49 8.00
N LEU B 246 -21.37 -23.83 6.97
CA LEU B 246 -22.65 -24.17 6.32
C LEU B 246 -22.55 -25.56 5.67
N TYR B 247 -21.34 -26.01 5.31
CA TYR B 247 -21.19 -27.28 4.58
C TYR B 247 -21.35 -28.46 5.56
N LEU B 248 -21.30 -28.20 6.87
CA LEU B 248 -21.64 -29.22 7.91
C LEU B 248 -23.14 -29.58 7.82
N LEU B 249 -23.93 -28.85 7.04
CA LEU B 249 -25.33 -29.25 6.70
C LEU B 249 -25.29 -30.57 5.90
N GLY B 250 -24.18 -30.87 5.25
CA GLY B 250 -23.90 -32.18 4.61
C GLY B 250 -24.19 -32.17 3.13
N ASN B 251 -24.62 -31.02 2.57
CA ASN B 251 -25.07 -30.82 1.17
C ASN B 251 -24.99 -29.34 0.78
N SER B 252 -24.83 -29.01 -0.49
CA SER B 252 -24.73 -27.60 -0.95
C SER B 252 -26.02 -26.84 -0.62
N LEU B 253 -25.91 -25.57 -0.23
CA LEU B 253 -27.08 -24.70 0.11
C LEU B 253 -27.64 -24.04 -1.17
N ILE B 254 -28.96 -24.10 -1.37
CA ILE B 254 -29.69 -23.16 -2.29
C ILE B 254 -30.35 -22.13 -1.38
N GLY B 255 -29.73 -20.97 -1.30
CA GLY B 255 -30.27 -19.84 -0.53
C GLY B 255 -29.18 -18.87 -0.13
N GLU B 256 -29.55 -17.92 0.72
CA GLU B 256 -28.69 -16.82 1.18
C GLU B 256 -28.46 -16.92 2.68
N PHE B 257 -27.20 -16.70 3.07
CA PHE B 257 -26.73 -16.50 4.45
C PHE B 257 -26.32 -15.03 4.59
N ARG B 258 -26.69 -14.41 5.71
CA ARG B 258 -26.23 -13.04 6.08
C ARG B 258 -25.63 -13.04 7.49
N GLY B 259 -24.37 -12.64 7.58
CA GLY B 259 -23.61 -12.56 8.85
C GLY B 259 -23.49 -11.13 9.36
N PHE B 260 -23.79 -10.87 10.62
CA PHE B 260 -23.51 -9.56 11.29
C PHE B 260 -22.75 -9.88 12.57
N LYS B 261 -21.42 -9.82 12.51
CA LYS B 261 -20.51 -10.13 13.64
C LYS B 261 -20.64 -11.60 14.02
N SER B 262 -21.15 -12.46 13.12
CA SER B 262 -21.23 -13.92 13.38
C SER B 262 -19.80 -14.48 13.42
N GLY B 263 -19.67 -15.59 14.11
CA GLY B 263 -18.47 -16.46 14.10
C GLY B 263 -18.94 -17.90 14.06
N HIS B 264 -17.99 -18.84 14.08
CA HIS B 264 -18.24 -20.31 14.07
C HIS B 264 -19.37 -20.66 15.06
N ALA B 265 -19.36 -20.03 16.26
CA ALA B 265 -20.33 -20.32 17.35
C ALA B 265 -21.76 -20.11 16.85
N LEU B 266 -22.08 -18.90 16.44
CA LEU B 266 -23.43 -18.50 15.97
C LEU B 266 -23.75 -19.28 14.69
N ASN B 267 -22.82 -19.38 13.75
CA ASN B 267 -23.04 -20.12 12.48
C ASN B 267 -23.61 -21.52 12.82
N ASN B 268 -23.00 -22.21 13.79
CA ASN B 268 -23.43 -23.57 14.23
C ASN B 268 -24.80 -23.44 14.92
N GLN B 269 -24.99 -22.39 15.73
CA GLN B 269 -26.33 -22.12 16.33
C GLN B 269 -27.33 -22.07 15.17
N LEU B 270 -27.01 -21.31 14.12
CA LEU B 270 -27.93 -21.13 12.96
C LEU B 270 -28.22 -22.50 12.34
N LEU B 271 -27.19 -23.36 12.24
CA LEU B 271 -27.31 -24.64 11.49
C LEU B 271 -28.28 -25.55 12.22
N ARG B 272 -28.10 -25.71 13.53
CA ARG B 272 -28.98 -26.49 14.44
C ARG B 272 -30.40 -25.92 14.33
N THR B 273 -30.55 -24.60 14.40
CA THR B 273 -31.87 -23.95 14.34
C THR B 273 -32.55 -24.38 13.04
N LEU B 274 -31.90 -24.20 11.89
CA LEU B 274 -32.51 -24.61 10.61
C LEU B 274 -32.85 -26.10 10.69
N ILE B 275 -31.92 -26.95 11.14
CA ILE B 275 -32.15 -28.43 11.17
C ILE B 275 -33.46 -28.70 11.94
N ALA B 276 -33.64 -28.08 13.12
CA ALA B 276 -34.88 -28.15 13.93
C ALA B 276 -36.07 -27.58 13.14
N ASP B 277 -35.92 -26.44 12.45
CA ASP B 277 -37.05 -25.81 11.69
C ASP B 277 -37.22 -26.54 10.37
N LYS B 278 -37.73 -27.78 10.42
CA LYS B 278 -37.77 -28.71 9.27
C LYS B 278 -38.65 -28.20 8.11
N ASP B 279 -39.56 -27.26 8.34
CA ASP B 279 -40.38 -26.73 7.23
C ASP B 279 -39.65 -25.58 6.54
N ALA B 280 -38.52 -25.12 7.09
CA ALA B 280 -37.77 -23.94 6.57
C ALA B 280 -36.87 -24.36 5.41
N TRP B 281 -36.81 -25.66 5.12
CA TRP B 281 -35.92 -26.19 4.08
C TRP B 281 -36.47 -27.51 3.50
N GLU B 282 -35.85 -27.94 2.42
CA GLU B 282 -36.23 -29.18 1.68
C GLU B 282 -35.02 -29.62 0.86
N VAL B 283 -35.01 -30.89 0.48
CA VAL B 283 -33.87 -31.54 -0.22
C VAL B 283 -34.28 -31.75 -1.67
N VAL B 284 -33.51 -31.17 -2.59
CA VAL B 284 -33.86 -31.09 -4.02
C VAL B 284 -32.68 -31.59 -4.84
N THR B 285 -32.96 -32.11 -6.03
CA THR B 285 -31.98 -32.59 -7.04
C THR B 285 -32.40 -31.96 -8.38
N PHE B 286 -31.52 -31.88 -9.37
CA PHE B 286 -31.78 -31.21 -10.67
C PHE B 286 -31.44 -32.12 -11.86
N GLU B 287 -32.22 -32.00 -12.95
CA GLU B 287 -32.07 -32.72 -14.26
C GLU B 287 -31.80 -31.71 -15.38
N ASP B 288 -31.19 -30.57 -15.04
CA ASP B 288 -30.69 -29.53 -15.99
C ASP B 288 -29.15 -29.54 -15.94
C01 FZ6 C . 7.11 21.95 4.23
C02 FZ6 C . 8.47 22.06 3.94
C03 FZ6 C . 8.94 21.80 2.61
C04 FZ6 C . 8.00 21.50 1.60
C05 FZ6 C . 6.66 21.44 1.91
C06 FZ6 C . 6.22 21.64 3.21
O07 FZ6 C . 6.61 22.21 5.48
N08 FZ6 C . 10.25 21.90 2.41
C09 FZ6 C . 10.87 21.54 1.27
O10 FZ6 C . 10.39 20.92 0.29
C11 FZ6 C . 12.38 21.80 1.31
C12 FZ6 C . 6.77 21.17 6.45
N16 FZ6 C . 12.81 22.10 -0.05
C17 FZ6 C . 13.13 20.56 1.84
O18 FZ6 C . 12.86 19.44 0.95
F13 FZ6 C . 6.77 19.98 5.91
F14 FZ6 C . 7.91 21.34 7.09
F15 FZ6 C . 5.81 21.25 7.34
ZN ZN D . 11.96 20.90 -1.43
C01 FZ6 E . -4.57 -18.41 13.64
C02 FZ6 E . -5.95 -18.54 13.72
C03 FZ6 E . -6.69 -18.81 12.56
C04 FZ6 E . -6.00 -18.92 11.33
C05 FZ6 E . -4.64 -18.76 11.29
C06 FZ6 E . -3.91 -18.54 12.45
O07 FZ6 E . -3.84 -18.23 14.76
N08 FZ6 E . -8.00 -18.91 12.74
C09 FZ6 E . -8.93 -18.81 11.81
O10 FZ6 E . -8.81 -18.72 10.60
C11 FZ6 E . -10.36 -18.93 12.36
C12 FZ6 E . -3.77 -16.89 15.23
N16 FZ6 E . -10.94 -19.95 11.58
C17 FZ6 E . -11.20 -17.65 12.36
O18 FZ6 E . -11.14 -17.00 11.09
F13 FZ6 E . -3.17 -16.13 14.34
F14 FZ6 E . -4.95 -16.35 15.45
F15 FZ6 E . -3.07 -17.06 16.33
ZN ZN F . -10.81 -19.27 9.36
#